data_3NHU
#
_entry.id   3NHU
#
_cell.length_a   56.762
_cell.length_b   83.790
_cell.length_c   106.699
_cell.angle_alpha   90.000
_cell.angle_beta   90.000
_cell.angle_gamma   90.000
#
_symmetry.space_group_name_H-M   'P 21 21 21'
#
loop_
_entity.id
_entity.type
_entity.pdbx_description
1 polymer 'Ribosyldihydronicotinamide dehydrogenase [quinone]'
2 non-polymer 'ZINC ION'
3 non-polymer 'FLAVIN-ADENINE DINUCLEOTIDE'
4 non-polymer 6-methyl[1,3]dioxolo[4,5-h]quinolin-8(9H)-one
5 water water
#
_entity_poly.entity_id   1
_entity_poly.type   'polypeptide(L)'
_entity_poly.pdbx_seq_one_letter_code
;AGKKVLIVYAHQEPKSFNGSLKNVAVDELSRQGCTVTVSDLYAMNFEPRATDKDITGTLSNPEVFNYGVETHEAYKQRSL
ASDITDEQKKVREADLVIFQFPLYWFSVPAILKGWMDRVLCQGFAFDIPGFYDSGLLQGKLALLSVTTGGTAEMYTKTGV
NGDSRYFLWPLQHGTLHFCGFKVLAPQISFAPEIASEEERKGMVAAWSQRLQTIWKEEPIPCTAHWHFGQ
;
_entity_poly.pdbx_strand_id   A,B
#
# COMPACT_ATOMS: atom_id res chain seq x y z
N ALA A 1 -31.75 3.46 -5.60
CA ALA A 1 -33.03 3.49 -4.81
C ALA A 1 -33.57 2.13 -4.13
N GLY A 2 -33.66 2.06 -2.78
CA GLY A 2 -32.89 2.93 -1.91
C GLY A 2 -31.55 2.25 -1.74
N LYS A 3 -30.47 2.88 -2.17
CA LYS A 3 -29.13 2.31 -1.91
C LYS A 3 -28.27 3.46 -1.44
N LYS A 4 -27.29 3.18 -0.59
CA LYS A 4 -26.35 4.20 -0.14
C LYS A 4 -25.00 3.81 -0.72
N VAL A 5 -24.29 4.81 -1.24
CA VAL A 5 -22.97 4.63 -1.77
C VAL A 5 -22.02 5.55 -1.01
N LEU A 6 -20.89 4.98 -0.63
CA LEU A 6 -19.76 5.75 -0.12
C LEU A 6 -18.67 5.78 -1.21
N ILE A 7 -18.23 6.96 -1.59
CA ILE A 7 -17.01 7.08 -2.41
C ILE A 7 -15.82 7.56 -1.54
N VAL A 8 -14.80 6.71 -1.43
CA VAL A 8 -13.56 7.08 -0.70
C VAL A 8 -12.58 7.53 -1.77
N TYR A 9 -12.27 8.83 -1.73
CA TYR A 9 -11.62 9.49 -2.83
C TYR A 9 -10.26 10.01 -2.39
N ALA A 10 -9.23 9.73 -3.19
CA ALA A 10 -7.86 10.13 -2.79
C ALA A 10 -7.11 10.82 -3.90
N HIS A 11 -7.43 12.09 -4.11
CA HIS A 11 -6.64 12.91 -5.04
C HIS A 11 -6.56 14.36 -4.49
N GLN A 12 -5.38 14.97 -4.70
CA GLN A 12 -5.10 16.28 -4.12
C GLN A 12 -5.83 17.38 -4.89
N GLU A 13 -6.20 17.11 -6.13
CA GLU A 13 -6.61 18.21 -7.05
C GLU A 13 -8.05 18.06 -7.60
N PRO A 14 -8.97 18.98 -7.24
CA PRO A 14 -10.37 18.87 -7.69
C PRO A 14 -10.53 18.81 -9.20
N LYS A 15 -9.59 19.46 -9.92
CA LYS A 15 -9.62 19.52 -11.41
C LYS A 15 -8.95 18.35 -12.09
N SER A 16 -8.47 17.38 -11.31
CA SER A 16 -7.86 16.22 -11.89
C SER A 16 -8.82 15.29 -12.57
N PHE A 17 -8.23 14.35 -13.29
CA PHE A 17 -8.99 13.31 -13.97
C PHE A 17 -9.67 12.43 -12.94
N ASN A 18 -8.97 12.14 -11.83
CA ASN A 18 -9.62 11.44 -10.69
C ASN A 18 -10.80 12.24 -10.17
N GLY A 19 -10.60 13.55 -10.06
CA GLY A 19 -11.62 14.50 -9.56
C GLY A 19 -12.86 14.45 -10.45
N SER A 20 -12.63 14.39 -11.77
CA SER A 20 -13.77 14.28 -12.74
C SER A 20 -14.47 12.96 -12.62
N LEU A 21 -13.71 11.87 -12.38
CA LEU A 21 -14.35 10.55 -12.23
C LEU A 21 -15.20 10.46 -10.97
N LYS A 22 -14.71 11.00 -9.86
CA LYS A 22 -15.52 11.10 -8.62
C LYS A 22 -16.74 11.97 -8.88
N ASN A 23 -16.58 13.14 -9.51
CA ASN A 23 -17.74 14.02 -9.76
C ASN A 23 -18.83 13.44 -10.66
N VAL A 24 -18.43 12.68 -11.70
CA VAL A 24 -19.36 11.89 -12.53
C VAL A 24 -20.06 10.77 -11.78
N ALA A 25 -19.34 10.11 -10.87
CA ALA A 25 -19.96 9.13 -10.01
C ALA A 25 -21.05 9.79 -9.12
N VAL A 26 -20.70 10.88 -8.44
CA VAL A 26 -21.69 11.59 -7.60
C VAL A 26 -22.92 12.01 -8.44
N ASP A 27 -22.67 12.60 -9.61
CA ASP A 27 -23.77 13.12 -10.46
C ASP A 27 -24.74 12.01 -10.88
N GLU A 28 -24.17 10.94 -11.45
CA GLU A 28 -24.93 9.82 -11.93
C GLU A 28 -25.69 9.06 -10.82
N LEU A 29 -25.02 8.79 -9.69
CA LEU A 29 -25.63 8.00 -8.61
C LEU A 29 -26.72 8.91 -7.95
N SER A 30 -26.43 10.20 -7.88
CA SER A 30 -27.41 11.19 -7.31
C SER A 30 -28.66 11.27 -8.23
N ARG A 31 -28.42 11.25 -9.55
CA ARG A 31 -29.51 11.19 -10.54
C ARG A 31 -30.39 9.99 -10.39
N GLN A 32 -29.81 8.83 -10.04
CA GLN A 32 -30.58 7.64 -9.91
C GLN A 32 -31.43 7.64 -8.63
N GLY A 33 -31.14 8.54 -7.69
CA GLY A 33 -31.90 8.62 -6.45
C GLY A 33 -31.15 7.96 -5.32
N CYS A 34 -29.89 7.53 -5.57
CA CYS A 34 -29.07 6.89 -4.53
C CYS A 34 -28.65 7.91 -3.43
N THR A 35 -28.45 7.42 -2.22
CA THR A 35 -27.88 8.21 -1.14
C THR A 35 -26.33 8.15 -1.32
N VAL A 36 -25.66 9.28 -1.41
CA VAL A 36 -24.25 9.31 -1.78
C VAL A 36 -23.48 10.13 -0.74
N THR A 37 -22.35 9.63 -0.30
CA THR A 37 -21.49 10.34 0.67
C THR A 37 -20.08 10.18 0.09
N VAL A 38 -19.25 11.24 0.16
CA VAL A 38 -17.84 11.19 -0.33
C VAL A 38 -16.90 11.44 0.84
N SER A 39 -15.89 10.58 1.01
CA SER A 39 -14.79 10.86 1.97
C SER A 39 -13.63 11.36 1.15
N ASP A 40 -13.49 12.70 1.12
CA ASP A 40 -12.38 13.32 0.37
C ASP A 40 -11.16 13.39 1.30
N LEU A 41 -10.37 12.32 1.28
CA LEU A 41 -9.27 12.13 2.20
C LEU A 41 -8.26 13.28 2.28
N TYR A 42 -7.79 13.79 1.15
CA TYR A 42 -6.84 14.88 1.26
C TYR A 42 -7.45 16.15 1.88
N ALA A 43 -8.69 16.46 1.47
CA ALA A 43 -9.42 17.62 1.99
C ALA A 43 -9.71 17.49 3.47
N MET A 44 -9.87 16.26 3.96
CA MET A 44 -10.07 15.96 5.36
C MET A 44 -8.75 15.95 6.11
N ASN A 45 -7.62 16.05 5.37
CA ASN A 45 -6.29 15.80 5.96
C ASN A 45 -6.28 14.48 6.79
N PHE A 46 -6.92 13.47 6.21
CA PHE A 46 -7.08 12.19 6.89
C PHE A 46 -5.75 11.63 7.37
N GLU A 47 -5.69 11.22 8.64
CA GLU A 47 -4.48 10.64 9.24
C GLU A 47 -4.19 9.19 8.76
N PRO A 48 -3.03 8.96 8.10
CA PRO A 48 -2.79 7.61 7.56
C PRO A 48 -2.09 6.71 8.62
N ARG A 49 -1.45 7.31 9.63
CA ARG A 49 -0.59 6.47 10.49
C ARG A 49 -1.34 5.73 11.58
N ALA A 50 -1.00 4.44 11.74
CA ALA A 50 -1.60 3.59 12.81
C ALA A 50 -0.85 3.84 14.11
N THR A 51 -1.39 4.69 14.98
CA THR A 51 -0.65 4.97 16.22
C THR A 51 -1.56 4.80 17.41
N ASP A 52 -0.96 4.93 18.62
CA ASP A 52 -1.72 4.87 19.89
C ASP A 52 -2.71 6.02 20.09
N LYS A 53 -2.59 7.08 19.30
CA LYS A 53 -3.62 8.13 19.26
C LYS A 53 -4.96 7.66 18.73
N ASP A 54 -4.99 6.45 18.17
CA ASP A 54 -6.23 5.93 17.59
C ASP A 54 -7.17 5.40 18.64
N ILE A 55 -6.63 5.29 19.87
CA ILE A 55 -7.39 4.80 21.05
C ILE A 55 -7.46 5.92 22.05
N THR A 56 -8.69 6.27 22.45
CA THR A 56 -8.91 7.36 23.41
C THR A 56 -8.98 6.73 24.81
N GLY A 57 -8.70 7.53 25.83
CA GLY A 57 -8.72 7.00 27.21
C GLY A 57 -7.50 6.10 27.44
N THR A 58 -7.67 4.90 28.01
CA THR A 58 -6.48 4.12 28.43
C THR A 58 -6.37 2.74 27.79
N LEU A 59 -5.13 2.26 27.67
CA LEU A 59 -4.83 1.12 26.80
C LEU A 59 -4.93 -0.23 27.51
N SER A 60 -5.40 -1.25 26.81
CA SER A 60 -5.58 -2.55 27.46
C SER A 60 -4.26 -3.18 27.87
N ASN A 61 -3.13 -2.64 27.39
CA ASN A 61 -1.76 -3.03 27.82
C ASN A 61 -0.76 -1.91 27.53
N PRO A 62 -0.61 -0.96 28.45
CA PRO A 62 0.23 0.19 28.12
C PRO A 62 1.74 -0.08 28.32
N GLU A 63 2.14 -1.34 28.49
CA GLU A 63 3.57 -1.71 28.59
C GLU A 63 4.16 -1.99 27.20
N VAL A 64 3.39 -2.70 26.38
CA VAL A 64 3.80 -3.10 25.06
C VAL A 64 2.63 -2.76 24.14
N PHE A 65 2.84 -1.85 23.17
CA PHE A 65 1.75 -1.41 22.29
C PHE A 65 1.60 -2.33 21.09
N ASN A 66 0.45 -2.99 20.96
CA ASN A 66 0.18 -3.86 19.81
C ASN A 66 -1.03 -3.24 19.13
N TYR A 67 -0.84 -2.63 17.98
CA TYR A 67 -1.92 -1.89 17.32
C TYR A 67 -3.21 -2.72 17.12
N GLY A 68 -3.06 -3.92 16.58
CA GLY A 68 -4.18 -4.78 16.27
C GLY A 68 -5.03 -5.12 17.49
N VAL A 69 -4.35 -5.40 18.59
CA VAL A 69 -5.01 -5.75 19.86
C VAL A 69 -5.72 -4.52 20.43
N GLU A 70 -5.01 -3.40 20.51
CA GLU A 70 -5.54 -2.21 21.12
C GLU A 70 -6.74 -1.67 20.36
N THR A 71 -6.72 -1.80 19.03
CA THR A 71 -7.79 -1.23 18.23
C THR A 71 -8.97 -2.13 18.26
N HIS A 72 -8.71 -3.44 18.35
CA HIS A 72 -9.79 -4.43 18.48
C HIS A 72 -10.57 -4.20 19.80
N GLU A 73 -9.82 -4.03 20.89
CA GLU A 73 -10.41 -3.79 22.20
C GLU A 73 -11.09 -2.46 22.24
N ALA A 74 -10.47 -1.45 21.62
CA ALA A 74 -11.10 -0.12 21.56
C ALA A 74 -12.43 -0.16 20.77
N TYR A 75 -12.47 -0.94 19.70
CA TYR A 75 -13.68 -1.00 18.90
C TYR A 75 -14.83 -1.53 19.82
N LYS A 76 -14.60 -2.68 20.45
CA LYS A 76 -15.58 -3.34 21.33
C LYS A 76 -16.00 -2.44 22.49
N GLN A 77 -15.07 -1.64 23.02
CA GLN A 77 -15.40 -0.74 24.12
C GLN A 77 -15.73 0.66 23.72
N ARG A 78 -16.07 0.86 22.44
CA ARG A 78 -16.42 2.17 21.88
C ARG A 78 -15.44 3.28 22.25
N SER A 79 -14.15 2.96 22.18
CA SER A 79 -13.08 3.86 22.54
C SER A 79 -12.08 4.24 21.39
N LEU A 80 -12.52 4.17 20.12
CA LEU A 80 -11.69 4.57 18.96
C LEU A 80 -11.79 6.05 18.71
N ALA A 81 -10.73 6.63 18.12
CA ALA A 81 -10.74 8.03 17.73
C ALA A 81 -11.95 8.32 16.78
N SER A 82 -12.49 9.53 16.88
CA SER A 82 -13.72 9.86 16.17
C SER A 82 -13.50 9.89 14.63
N ASP A 83 -12.30 10.23 14.14
CA ASP A 83 -12.07 10.14 12.68
C ASP A 83 -12.33 8.73 12.14
N ILE A 84 -11.86 7.72 12.87
CA ILE A 84 -12.09 6.32 12.51
C ILE A 84 -13.58 5.96 12.59
N THR A 85 -14.23 6.31 13.70
CA THR A 85 -15.62 5.83 13.87
C THR A 85 -16.56 6.56 12.90
N ASP A 86 -16.25 7.82 12.60
CA ASP A 86 -16.99 8.53 11.57
C ASP A 86 -16.91 7.73 10.28
N GLU A 87 -15.70 7.24 9.91
CA GLU A 87 -15.65 6.46 8.65
C GLU A 87 -16.39 5.13 8.77
N GLN A 88 -16.26 4.48 9.90
CA GLN A 88 -16.94 3.21 10.05
C GLN A 88 -18.47 3.33 9.91
N LYS A 89 -19.02 4.43 10.40
CA LYS A 89 -20.46 4.63 10.27
C LYS A 89 -20.85 4.71 8.77
N LYS A 90 -20.06 5.47 7.97
CA LYS A 90 -20.36 5.55 6.53
C LYS A 90 -20.24 4.18 5.87
N VAL A 91 -19.25 3.40 6.31
CA VAL A 91 -19.06 2.13 5.67
C VAL A 91 -20.21 1.18 6.09
N ARG A 92 -20.53 1.18 7.37
CA ARG A 92 -21.62 0.30 7.92
C ARG A 92 -22.96 0.52 7.15
N GLU A 93 -23.25 1.79 6.84
CA GLU A 93 -24.52 2.17 6.21
C GLU A 93 -24.52 1.96 4.70
N ALA A 94 -23.33 1.91 4.11
CA ALA A 94 -23.20 1.80 2.67
C ALA A 94 -23.58 0.40 2.15
N ASP A 95 -24.29 0.39 1.03
CA ASP A 95 -24.46 -0.83 0.20
C ASP A 95 -23.32 -1.08 -0.76
N LEU A 96 -22.71 0.01 -1.25
CA LEU A 96 -21.58 -0.05 -2.20
C LEU A 96 -20.45 0.92 -1.76
N VAL A 97 -19.18 0.48 -1.80
CA VAL A 97 -18.09 1.40 -1.53
C VAL A 97 -17.20 1.45 -2.77
N ILE A 98 -17.11 2.64 -3.37
CA ILE A 98 -16.23 2.93 -4.47
C ILE A 98 -14.95 3.62 -3.97
N PHE A 99 -13.79 3.09 -4.38
CA PHE A 99 -12.47 3.76 -4.10
C PHE A 99 -11.98 4.38 -5.37
N GLN A 100 -11.73 5.68 -5.33
CA GLN A 100 -11.35 6.42 -6.56
C GLN A 100 -9.96 6.96 -6.28
N PHE A 101 -8.93 6.51 -7.02
CA PHE A 101 -7.51 6.86 -6.70
C PHE A 101 -6.61 6.66 -7.92
N PRO A 102 -5.53 7.47 -8.01
CA PRO A 102 -4.42 7.16 -8.96
C PRO A 102 -3.58 5.99 -8.41
N LEU A 103 -3.14 5.08 -9.29
CA LEU A 103 -2.23 3.99 -8.85
C LEU A 103 -0.90 4.66 -8.37
N TYR A 104 -0.49 4.38 -7.12
CA TYR A 104 0.81 4.80 -6.61
C TYR A 104 1.57 3.52 -6.24
N TRP A 105 2.66 3.26 -6.98
CA TRP A 105 3.47 2.08 -6.71
C TRP A 105 2.63 0.78 -6.69
N PHE A 106 1.90 0.57 -7.80
CA PHE A 106 1.04 -0.63 -7.96
C PHE A 106 0.05 -0.77 -6.80
N SER A 107 -0.33 0.34 -6.13
CA SER A 107 -1.21 0.22 -4.98
C SER A 107 -1.98 1.54 -4.80
N VAL A 108 -2.54 1.70 -3.59
CA VAL A 108 -3.30 2.95 -3.24
C VAL A 108 -2.27 3.97 -2.75
N PRO A 109 -2.53 5.27 -2.96
CA PRO A 109 -1.75 6.32 -2.26
C PRO A 109 -1.76 6.07 -0.75
N ALA A 110 -0.68 6.46 -0.06
CA ALA A 110 -0.54 6.17 1.37
C ALA A 110 -1.72 6.70 2.21
N ILE A 111 -2.28 7.85 1.86
CA ILE A 111 -3.44 8.36 2.60
C ILE A 111 -4.63 7.40 2.59
N LEU A 112 -4.87 6.79 1.43
CA LEU A 112 -5.92 5.80 1.30
C LEU A 112 -5.45 4.46 1.93
N LYS A 113 -4.19 4.09 1.81
CA LYS A 113 -3.71 2.90 2.56
C LYS A 113 -4.00 3.05 4.07
N GLY A 114 -3.85 4.27 4.58
CA GLY A 114 -4.02 4.59 5.99
C GLY A 114 -5.49 4.48 6.37
N TRP A 115 -6.40 4.87 5.47
CA TRP A 115 -7.82 4.68 5.66
C TRP A 115 -8.12 3.18 5.84
N MET A 116 -7.58 2.32 4.96
CA MET A 116 -7.79 0.86 5.12
C MET A 116 -7.21 0.35 6.42
N ASP A 117 -5.96 0.73 6.69
CA ASP A 117 -5.29 0.28 7.88
C ASP A 117 -6.11 0.60 9.16
N ARG A 118 -6.64 1.83 9.25
CA ARG A 118 -7.17 2.39 10.52
C ARG A 118 -8.69 2.21 10.59
N VAL A 119 -9.38 2.28 9.46
CA VAL A 119 -10.87 2.12 9.46
C VAL A 119 -11.34 0.64 9.51
N LEU A 120 -10.64 -0.27 8.83
CA LEU A 120 -11.09 -1.65 8.74
C LEU A 120 -10.47 -2.48 9.88
N CYS A 121 -10.87 -2.17 11.13
CA CYS A 121 -10.24 -2.82 12.27
C CYS A 121 -10.95 -4.12 12.66
N GLN A 122 -10.20 -4.96 13.36
CA GLN A 122 -10.73 -6.21 13.84
C GLN A 122 -11.86 -5.85 14.82
N GLY A 123 -12.97 -6.56 14.71
CA GLY A 123 -14.21 -6.26 15.48
C GLY A 123 -15.23 -5.59 14.58
N PHE A 124 -14.74 -4.71 13.69
CA PHE A 124 -15.55 -4.00 12.68
C PHE A 124 -15.63 -4.69 11.31
N ALA A 125 -14.48 -4.92 10.68
CA ALA A 125 -14.43 -5.44 9.33
C ALA A 125 -14.22 -6.96 9.31
N PHE A 126 -13.64 -7.50 10.37
CA PHE A 126 -13.37 -8.96 10.40
C PHE A 126 -13.13 -9.33 11.83
N ASP A 127 -13.19 -10.63 12.13
CA ASP A 127 -12.76 -11.07 13.45
C ASP A 127 -11.56 -12.07 13.29
N ILE A 128 -10.78 -12.37 14.35
CA ILE A 128 -9.74 -13.46 14.26
C ILE A 128 -10.09 -14.56 15.28
N PRO A 129 -10.68 -15.68 14.80
CA PRO A 129 -11.03 -15.89 13.41
C PRO A 129 -12.30 -15.09 13.07
N GLY A 130 -12.60 -14.92 11.78
CA GLY A 130 -13.62 -13.97 11.30
C GLY A 130 -13.62 -13.35 9.90
N PHE A 131 -13.19 -14.11 8.87
CA PHE A 131 -12.81 -13.49 7.57
C PHE A 131 -13.20 -14.12 6.22
N TYR A 132 -12.70 -13.51 5.14
CA TYR A 132 -13.12 -13.81 3.77
C TYR A 132 -14.63 -13.94 3.72
N ASP A 133 -15.17 -15.14 3.94
CA ASP A 133 -16.65 -15.21 3.98
C ASP A 133 -17.23 -15.18 5.38
N SER A 134 -16.42 -15.55 6.36
CA SER A 134 -16.74 -15.31 7.74
C SER A 134 -16.55 -13.74 8.08
N GLY A 135 -16.37 -12.91 7.04
CA GLY A 135 -15.94 -11.49 7.16
C GLY A 135 -17.13 -10.52 7.33
N LEU A 136 -16.97 -9.56 8.24
CA LEU A 136 -18.09 -8.82 8.85
C LEU A 136 -18.83 -7.84 7.92
N LEU A 137 -18.24 -7.50 6.77
CA LEU A 137 -18.92 -6.60 5.84
C LEU A 137 -19.66 -7.34 4.72
N GLN A 138 -20.00 -8.63 4.95
CA GLN A 138 -20.69 -9.41 3.88
C GLN A 138 -22.02 -8.79 3.54
N GLY A 139 -22.40 -8.86 2.28
CA GLY A 139 -23.59 -8.17 1.84
C GLY A 139 -23.23 -6.92 1.04
N LYS A 140 -22.10 -6.29 1.36
CA LYS A 140 -21.72 -5.02 0.69
C LYS A 140 -20.94 -5.28 -0.57
N LEU A 141 -21.07 -4.35 -1.49
CA LEU A 141 -20.30 -4.35 -2.71
C LEU A 141 -19.12 -3.36 -2.61
N ALA A 142 -18.00 -3.68 -3.26
CA ALA A 142 -16.88 -2.75 -3.36
C ALA A 142 -16.37 -2.79 -4.77
N LEU A 143 -15.77 -1.67 -5.18
CA LEU A 143 -15.34 -1.47 -6.51
C LEU A 143 -14.13 -0.58 -6.47
N LEU A 144 -13.04 -0.99 -7.11
CA LEU A 144 -11.85 -0.08 -7.31
C LEU A 144 -11.92 0.64 -8.65
N SER A 145 -11.94 1.97 -8.63
CA SER A 145 -11.77 2.80 -9.83
C SER A 145 -10.38 3.45 -9.75
N VAL A 146 -9.46 2.99 -10.61
CA VAL A 146 -8.04 3.27 -10.58
C VAL A 146 -7.68 4.00 -11.86
N THR A 147 -6.82 5.01 -11.76
CA THR A 147 -6.14 5.63 -12.92
C THR A 147 -4.65 5.23 -12.87
N THR A 148 -4.01 5.16 -14.05
CA THR A 148 -2.61 4.77 -14.10
C THR A 148 -1.76 5.73 -14.93
N GLY A 149 -0.42 5.69 -14.73
CA GLY A 149 0.51 6.31 -15.66
C GLY A 149 0.74 5.38 -16.88
N GLY A 150 0.89 4.09 -16.63
CA GLY A 150 1.20 3.13 -17.66
C GLY A 150 0.02 2.76 -18.55
N THR A 151 0.33 2.34 -19.78
CA THR A 151 -0.70 2.07 -20.81
C THR A 151 -1.25 0.66 -20.63
N ALA A 152 -2.45 0.42 -21.19
CA ALA A 152 -3.02 -0.93 -21.13
C ALA A 152 -2.05 -1.97 -21.71
N GLU A 153 -1.31 -1.59 -22.74
CA GLU A 153 -0.32 -2.57 -23.31
C GLU A 153 0.76 -2.99 -22.29
N MET A 154 1.21 -2.02 -21.49
CA MET A 154 2.23 -2.27 -20.42
C MET A 154 1.69 -3.19 -19.37
N TYR A 155 0.37 -3.03 -19.12
CA TYR A 155 -0.36 -3.86 -18.19
C TYR A 155 -0.94 -5.19 -18.78
N THR A 156 -0.10 -5.91 -19.53
CA THR A 156 -0.45 -7.26 -20.02
C THR A 156 0.59 -8.27 -19.51
N LYS A 157 0.30 -9.57 -19.67
CA LYS A 157 1.02 -10.64 -18.92
C LYS A 157 2.52 -10.63 -19.20
N THR A 158 2.83 -10.16 -20.40
CA THR A 158 4.20 -10.19 -20.90
C THR A 158 4.51 -8.77 -21.34
N GLY A 159 3.72 -7.82 -20.84
CA GLY A 159 4.10 -6.41 -20.82
C GLY A 159 5.05 -6.18 -19.62
N VAL A 160 5.69 -5.03 -19.58
CA VAL A 160 6.67 -4.72 -18.50
C VAL A 160 6.05 -4.67 -17.09
N ASN A 161 4.79 -4.21 -17.01
CA ASN A 161 4.14 -4.04 -15.69
C ASN A 161 3.45 -5.33 -15.28
N GLY A 162 3.35 -6.27 -16.21
CA GLY A 162 2.57 -7.49 -15.92
C GLY A 162 1.08 -7.16 -16.07
N ASP A 163 0.21 -8.17 -15.92
CA ASP A 163 -1.28 -7.98 -16.01
C ASP A 163 -1.76 -7.04 -14.85
N SER A 164 -2.68 -6.11 -15.15
N SER A 164 -2.68 -6.11 -15.17
CA SER A 164 -3.29 -5.30 -14.07
CA SER A 164 -3.31 -5.29 -14.12
C SER A 164 -3.86 -6.15 -12.97
C SER A 164 -3.91 -6.12 -13.00
N ARG A 165 -4.37 -7.34 -13.32
CA ARG A 165 -4.95 -8.20 -12.28
C ARG A 165 -3.97 -8.59 -11.21
N TYR A 166 -2.69 -8.63 -11.57
CA TYR A 166 -1.64 -8.95 -10.60
C TYR A 166 -1.52 -7.91 -9.47
N PHE A 167 -1.60 -6.61 -9.78
CA PHE A 167 -1.52 -5.63 -8.64
C PHE A 167 -2.82 -5.54 -7.88
N LEU A 168 -3.94 -5.98 -8.49
CA LEU A 168 -5.23 -5.97 -7.78
C LEU A 168 -5.35 -6.85 -6.56
N TRP A 169 -4.57 -7.91 -6.54
CA TRP A 169 -4.71 -8.94 -5.53
C TRP A 169 -4.70 -8.47 -4.05
N PRO A 170 -3.69 -7.68 -3.64
CA PRO A 170 -3.72 -7.24 -2.25
C PRO A 170 -4.95 -6.36 -1.89
N LEU A 171 -5.48 -5.63 -2.85
CA LEU A 171 -6.61 -4.74 -2.58
C LEU A 171 -7.92 -5.55 -2.64
N GLN A 172 -8.16 -6.22 -3.76
CA GLN A 172 -9.38 -6.99 -3.91
C GLN A 172 -9.44 -8.20 -3.00
N HIS A 173 -8.35 -8.97 -2.95
CA HIS A 173 -8.46 -10.22 -2.23
C HIS A 173 -7.99 -10.05 -0.78
N GLY A 174 -6.76 -9.54 -0.60
CA GLY A 174 -6.20 -9.38 0.76
C GLY A 174 -7.02 -8.42 1.64
N THR A 175 -7.69 -7.44 1.02
CA THR A 175 -8.40 -6.39 1.80
C THR A 175 -9.93 -6.53 1.69
N LEU A 176 -10.48 -6.27 0.51
CA LEU A 176 -11.94 -6.19 0.36
C LEU A 176 -12.61 -7.56 0.55
N HIS A 177 -12.16 -8.57 -0.18
CA HIS A 177 -12.68 -9.94 0.05
C HIS A 177 -12.52 -10.39 1.50
N PHE A 178 -11.35 -10.18 2.08
CA PHE A 178 -11.09 -10.61 3.47
C PHE A 178 -12.13 -10.05 4.41
N CYS A 179 -12.58 -8.84 4.13
CA CYS A 179 -13.55 -8.21 5.02
C CYS A 179 -15.00 -8.65 4.65
N GLY A 180 -15.17 -9.46 3.62
CA GLY A 180 -16.52 -9.93 3.25
C GLY A 180 -17.19 -9.25 2.07
N PHE A 181 -16.58 -8.18 1.55
CA PHE A 181 -17.13 -7.52 0.39
C PHE A 181 -17.24 -8.49 -0.75
N LYS A 182 -18.27 -8.31 -1.57
CA LYS A 182 -18.31 -8.84 -2.92
C LYS A 182 -17.69 -7.75 -3.74
N VAL A 183 -16.83 -8.12 -4.71
CA VAL A 183 -16.03 -7.19 -5.49
C VAL A 183 -16.50 -7.09 -6.93
N LEU A 184 -16.97 -5.91 -7.29
CA LEU A 184 -17.32 -5.68 -8.67
C LEU A 184 -16.05 -5.52 -9.46
N ALA A 185 -16.12 -5.75 -10.76
CA ALA A 185 -14.95 -5.62 -11.62
C ALA A 185 -14.36 -4.24 -11.49
N PRO A 186 -13.02 -4.16 -11.49
CA PRO A 186 -12.34 -2.86 -11.36
C PRO A 186 -12.64 -1.99 -12.54
N GLN A 187 -12.74 -0.69 -12.32
CA GLN A 187 -12.74 0.22 -13.43
C GLN A 187 -11.30 0.66 -13.55
N ILE A 188 -10.64 0.46 -14.69
CA ILE A 188 -9.27 1.00 -14.82
C ILE A 188 -9.18 1.98 -15.93
N SER A 189 -8.85 3.22 -15.64
CA SER A 189 -8.70 4.19 -16.68
C SER A 189 -7.24 4.36 -16.99
N PHE A 190 -6.77 3.71 -18.05
CA PHE A 190 -5.33 3.75 -18.41
C PHE A 190 -4.81 5.04 -18.97
N ALA A 191 -3.77 5.57 -18.33
CA ALA A 191 -2.95 6.65 -18.89
C ALA A 191 -3.64 7.97 -19.32
N PRO A 192 -4.44 8.59 -18.44
CA PRO A 192 -5.08 9.81 -18.90
C PRO A 192 -4.13 10.91 -19.31
N GLU A 193 -2.94 10.97 -18.72
CA GLU A 193 -2.08 12.14 -18.90
C GLU A 193 -1.54 12.26 -20.32
N ILE A 194 -1.41 11.13 -21.01
CA ILE A 194 -0.91 11.13 -22.39
C ILE A 194 -2.11 11.11 -23.35
N ALA A 195 -3.18 11.75 -22.85
CA ALA A 195 -4.45 12.18 -23.51
C ALA A 195 -5.03 11.12 -24.39
N SER A 196 -5.71 11.42 -25.52
CA SER A 196 -6.20 12.77 -25.89
C SER A 196 -7.48 13.17 -25.13
N GLU A 197 -7.61 14.49 -25.01
CA GLU A 197 -8.83 15.25 -24.81
C GLU A 197 -10.07 14.75 -25.62
N GLU A 198 -10.21 13.43 -25.79
CA GLU A 198 -11.40 12.85 -26.40
C GLU A 198 -11.43 11.41 -25.99
N GLU A 199 -10.25 10.80 -25.86
CA GLU A 199 -10.20 9.47 -25.29
C GLU A 199 -10.44 9.60 -23.78
N ARG A 200 -10.05 10.75 -23.25
CA ARG A 200 -10.29 11.16 -21.87
C ARG A 200 -11.79 11.30 -21.65
N LYS A 201 -12.43 12.09 -22.50
CA LYS A 201 -13.90 12.24 -22.46
C LYS A 201 -14.51 10.88 -22.52
N GLY A 202 -13.98 10.05 -23.40
CA GLY A 202 -14.48 8.73 -23.58
C GLY A 202 -14.35 7.88 -22.33
N MET A 203 -13.29 8.08 -21.57
CA MET A 203 -13.09 7.25 -20.39
C MET A 203 -14.05 7.69 -19.27
N VAL A 204 -14.22 8.99 -19.13
CA VAL A 204 -15.18 9.55 -18.16
C VAL A 204 -16.60 9.08 -18.52
N ALA A 205 -16.98 9.16 -19.82
CA ALA A 205 -18.30 8.76 -20.22
C ALA A 205 -18.50 7.31 -20.01
N ALA A 206 -17.48 6.46 -20.25
CA ALA A 206 -17.68 5.05 -20.05
C ALA A 206 -17.97 4.70 -18.59
N TRP A 207 -17.33 5.42 -17.68
CA TRP A 207 -17.53 5.21 -16.25
C TRP A 207 -18.95 5.66 -15.87
N SER A 208 -19.32 6.84 -16.36
CA SER A 208 -20.70 7.37 -16.17
C SER A 208 -21.69 6.35 -16.71
N GLN A 209 -21.52 5.90 -17.97
CA GLN A 209 -22.40 4.84 -18.55
C GLN A 209 -22.46 3.58 -17.74
N ARG A 210 -21.30 3.11 -17.28
CA ARG A 210 -21.31 1.92 -16.46
C ARG A 210 -22.05 2.07 -15.10
N LEU A 211 -21.97 3.25 -14.47
CA LEU A 211 -22.68 3.46 -13.21
C LEU A 211 -24.19 3.36 -13.39
N GLN A 212 -24.67 3.65 -14.60
CA GLN A 212 -26.11 3.46 -14.91
C GLN A 212 -26.65 2.10 -14.53
N THR A 213 -25.89 1.02 -14.73
CA THR A 213 -26.37 -0.35 -14.49
C THR A 213 -25.56 -1.14 -13.45
N ILE A 214 -24.94 -0.40 -12.54
CA ILE A 214 -24.01 -0.94 -11.58
C ILE A 214 -24.72 -1.94 -10.67
N TRP A 215 -25.98 -1.66 -10.32
CA TRP A 215 -26.77 -2.52 -9.46
C TRP A 215 -27.19 -3.85 -10.15
N LYS A 216 -27.00 -3.90 -11.47
CA LYS A 216 -27.30 -5.10 -12.24
C LYS A 216 -26.10 -6.09 -12.31
N GLU A 217 -24.90 -5.59 -12.07
CA GLU A 217 -23.66 -6.42 -12.12
C GLU A 217 -23.54 -7.55 -11.08
N GLU A 218 -22.93 -8.66 -11.49
CA GLU A 218 -22.51 -9.71 -10.52
C GLU A 218 -21.04 -9.42 -10.08
N PRO A 219 -20.71 -9.73 -8.83
CA PRO A 219 -19.33 -9.62 -8.36
C PRO A 219 -18.36 -10.60 -9.08
N ILE A 220 -17.06 -10.31 -9.11
CA ILE A 220 -16.08 -11.22 -9.71
C ILE A 220 -15.92 -12.44 -8.82
N PRO A 221 -15.39 -13.57 -9.38
CA PRO A 221 -15.02 -14.65 -8.43
C PRO A 221 -13.64 -14.23 -7.89
N CYS A 222 -13.55 -13.84 -6.62
CA CYS A 222 -12.34 -13.12 -6.17
C CYS A 222 -11.35 -14.21 -5.76
N THR A 223 -10.72 -14.82 -6.74
CA THR A 223 -9.91 -16.01 -6.48
C THR A 223 -8.50 -15.81 -7.00
N ALA A 224 -7.56 -16.58 -6.48
CA ALA A 224 -6.25 -16.69 -7.13
C ALA A 224 -6.36 -16.92 -8.66
N HIS A 225 -7.32 -17.74 -9.06
CA HIS A 225 -7.54 -18.10 -10.47
C HIS A 225 -7.91 -16.86 -11.33
N TRP A 226 -8.93 -16.11 -10.87
CA TRP A 226 -9.24 -14.83 -11.51
C TRP A 226 -8.01 -13.91 -11.67
N HIS A 227 -7.24 -13.73 -10.58
CA HIS A 227 -6.07 -12.78 -10.65
C HIS A 227 -4.87 -13.33 -11.40
N PHE A 228 -4.58 -14.62 -11.22
CA PHE A 228 -3.34 -15.15 -11.78
C PHE A 228 -3.50 -16.23 -12.83
N GLY A 229 -4.56 -17.02 -12.72
CA GLY A 229 -4.71 -18.27 -13.52
C GLY A 229 -5.05 -18.02 -14.98
N GLN A 230 -5.58 -19.05 -15.64
CA GLN A 230 -6.12 -18.86 -17.00
C GLN A 230 -7.67 -19.11 -17.05
N ALA B 1 31.65 -5.85 6.40
CA ALA B 1 32.22 -5.56 5.07
C ALA B 1 31.92 -4.10 4.79
N GLY B 2 32.84 -3.42 4.05
CA GLY B 2 32.81 -1.97 3.58
C GLY B 2 31.61 -1.51 2.74
N LYS B 3 30.47 -1.51 3.38
CA LYS B 3 29.19 -1.32 2.71
C LYS B 3 28.36 -0.46 3.67
N LYS B 4 27.37 0.27 3.11
CA LYS B 4 26.40 1.05 3.85
C LYS B 4 25.06 0.33 3.72
N VAL B 5 24.38 0.12 4.85
CA VAL B 5 23.02 -0.42 4.85
C VAL B 5 22.10 0.66 5.45
N LEU B 6 20.95 0.85 4.77
CA LEU B 6 19.84 1.60 5.33
C LEU B 6 18.72 0.63 5.68
N ILE B 7 18.24 0.72 6.93
CA ILE B 7 17.07 -0.09 7.32
C ILE B 7 15.88 0.90 7.47
N VAL B 8 14.82 0.73 6.66
CA VAL B 8 13.60 1.56 6.80
C VAL B 8 12.65 0.70 7.63
N TYR B 9 12.35 1.16 8.83
CA TYR B 9 11.67 0.38 9.86
C TYR B 9 10.30 0.97 10.23
N ALA B 10 9.26 0.12 10.24
CA ALA B 10 7.90 0.63 10.40
C ALA B 10 7.16 -0.17 11.47
N HIS B 11 7.47 0.08 12.74
CA HIS B 11 6.68 -0.53 13.83
C HIS B 11 6.64 0.47 15.00
N GLN B 12 5.49 0.55 15.66
CA GLN B 12 5.28 1.57 16.73
C GLN B 12 5.99 1.17 18.03
N GLU B 13 6.29 -0.11 18.18
CA GLU B 13 6.73 -0.66 19.47
C GLU B 13 8.13 -1.26 19.44
N PRO B 14 9.07 -0.66 20.17
CA PRO B 14 10.45 -1.18 20.20
C PRO B 14 10.54 -2.62 20.76
N LYS B 15 9.64 -3.00 21.68
CA LYS B 15 9.77 -4.37 22.19
C LYS B 15 9.10 -5.35 21.29
N SER B 16 8.65 -4.92 20.11
CA SER B 16 7.95 -5.86 19.22
C SER B 16 8.92 -6.83 18.59
N PHE B 17 8.34 -7.86 18.01
CA PHE B 17 9.01 -8.80 17.14
C PHE B 17 9.70 -8.08 15.95
N ASN B 18 9.01 -7.14 15.29
CA ASN B 18 9.71 -6.32 14.28
C ASN B 18 10.86 -5.59 14.90
N GLY B 19 10.67 -5.07 16.13
CA GLY B 19 11.73 -4.30 16.76
C GLY B 19 12.94 -5.18 17.01
N SER B 20 12.70 -6.44 17.42
CA SER B 20 13.78 -7.41 17.58
C SER B 20 14.54 -7.75 16.27
N LEU B 21 13.81 -7.89 15.16
CA LEU B 21 14.40 -8.26 13.88
C LEU B 21 15.23 -7.05 13.43
N LYS B 22 14.73 -5.84 13.64
CA LYS B 22 15.49 -4.64 13.26
C LYS B 22 16.78 -4.58 14.11
N ASN B 23 16.68 -4.82 15.40
CA ASN B 23 17.88 -4.72 16.22
C ASN B 23 18.89 -5.81 15.94
N VAL B 24 18.44 -7.06 15.68
CA VAL B 24 19.43 -8.07 15.31
C VAL B 24 20.09 -7.75 13.98
N ALA B 25 19.37 -7.09 13.06
CA ALA B 25 20.01 -6.68 11.82
C ALA B 25 21.10 -5.66 12.11
N VAL B 26 20.77 -4.66 12.94
CA VAL B 26 21.75 -3.59 13.27
C VAL B 26 22.98 -4.24 13.97
N ASP B 27 22.70 -5.14 14.91
CA ASP B 27 23.77 -5.76 15.72
C ASP B 27 24.67 -6.56 14.80
N GLU B 28 24.07 -7.36 13.92
CA GLU B 28 24.85 -8.23 13.02
C GLU B 28 25.61 -7.46 11.93
N LEU B 29 24.96 -6.51 11.28
CA LEU B 29 25.66 -5.74 10.26
C LEU B 29 26.78 -4.88 10.89
N SER B 30 26.49 -4.31 12.05
CA SER B 30 27.49 -3.56 12.85
C SER B 30 28.71 -4.44 13.22
N ARG B 31 28.45 -5.65 13.71
CA ARG B 31 29.51 -6.64 14.01
C ARG B 31 30.38 -6.89 12.82
N GLN B 32 29.77 -6.99 11.64
CA GLN B 32 30.56 -7.18 10.42
C GLN B 32 31.41 -6.01 10.05
N GLY B 33 31.15 -4.85 10.65
CA GLY B 33 31.92 -3.64 10.25
C GLY B 33 31.20 -2.83 9.19
N CYS B 34 29.92 -3.18 8.88
CA CYS B 34 29.15 -2.34 7.93
C CYS B 34 28.73 -1.05 8.59
N THR B 35 28.53 -0.05 7.75
CA THR B 35 27.93 1.24 8.13
C THR B 35 26.41 1.10 8.10
N VAL B 36 25.76 1.45 9.21
CA VAL B 36 24.37 1.13 9.36
C VAL B 36 23.56 2.38 9.81
N THR B 37 22.44 2.60 9.13
CA THR B 37 21.51 3.73 9.41
C THR B 37 20.09 3.14 9.50
N VAL B 38 19.29 3.58 10.47
CA VAL B 38 17.87 3.15 10.53
C VAL B 38 16.99 4.40 10.44
N SER B 39 15.98 4.34 9.58
CA SER B 39 14.94 5.37 9.53
C SER B 39 13.75 4.73 10.27
N ASP B 40 13.52 5.16 11.54
CA ASP B 40 12.46 4.53 12.34
C ASP B 40 11.22 5.45 12.10
N LEU B 41 10.38 5.06 11.17
CA LEU B 41 9.41 5.97 10.66
C LEU B 41 8.43 6.51 11.72
N TYR B 42 7.92 5.65 12.58
CA TYR B 42 6.91 6.16 13.58
C TYR B 42 7.59 7.11 14.55
N ALA B 43 8.83 6.83 14.91
CA ALA B 43 9.53 7.61 15.92
C ALA B 43 9.85 8.96 15.29
N MET B 44 10.13 8.96 13.98
CA MET B 44 10.32 10.22 13.26
C MET B 44 9.00 10.97 12.99
N ASN B 45 7.84 10.34 13.26
CA ASN B 45 6.54 10.88 12.82
C ASN B 45 6.54 11.20 11.32
N PHE B 46 7.14 10.29 10.54
CA PHE B 46 7.26 10.45 9.12
C PHE B 46 5.91 10.79 8.43
N GLU B 47 5.86 11.89 7.68
CA GLU B 47 4.67 12.34 6.95
C GLU B 47 4.38 11.37 5.75
N PRO B 48 3.23 10.67 5.75
CA PRO B 48 3.00 9.71 4.64
C PRO B 48 2.26 10.38 3.47
N ARG B 49 1.60 11.52 3.70
CA ARG B 49 0.76 12.10 2.64
C ARG B 49 1.51 12.84 1.55
N ALA B 50 1.15 12.52 0.30
CA ALA B 50 1.73 13.19 -0.87
C ALA B 50 0.92 14.47 -1.07
N THR B 51 1.47 15.61 -0.60
CA THR B 51 0.74 16.86 -0.72
C THR B 51 1.57 17.99 -1.36
N ASP B 52 0.94 19.12 -1.67
CA ASP B 52 1.66 20.31 -2.16
C ASP B 52 2.63 20.94 -1.16
N LYS B 53 2.58 20.50 0.09
CA LYS B 53 3.56 20.90 1.08
C LYS B 53 4.92 20.28 0.82
N ASP B 54 4.97 19.30 -0.08
CA ASP B 54 6.26 18.65 -0.38
C ASP B 54 7.12 19.44 -1.33
N ILE B 55 6.56 20.53 -1.91
CA ILE B 55 7.29 21.40 -2.81
C ILE B 55 7.29 22.79 -2.17
N THR B 56 8.46 23.41 -2.09
CA THR B 56 8.52 24.77 -1.50
C THR B 56 8.72 25.88 -2.55
N GLY B 57 8.99 25.51 -3.79
CA GLY B 57 9.23 26.53 -4.81
C GLY B 57 7.97 26.97 -5.56
N THR B 58 8.17 27.79 -6.58
CA THR B 58 7.12 28.17 -7.46
C THR B 58 6.69 26.91 -8.18
N LEU B 59 5.41 26.61 -8.15
CA LEU B 59 4.90 25.43 -8.81
C LEU B 59 4.92 25.60 -10.31
N SER B 60 5.18 24.51 -11.01
CA SER B 60 5.26 24.56 -12.44
C SER B 60 3.87 24.82 -13.10
N ASN B 61 2.80 24.37 -12.48
CA ASN B 61 1.42 24.71 -12.89
C ASN B 61 0.64 24.97 -11.62
N PRO B 62 0.60 26.23 -11.17
CA PRO B 62 -0.09 26.42 -9.88
C PRO B 62 -1.65 26.34 -10.00
N GLU B 63 -2.18 26.15 -11.22
CA GLU B 63 -3.66 26.07 -11.47
C GLU B 63 -4.25 24.67 -11.26
N VAL B 64 -3.47 23.67 -11.62
CA VAL B 64 -3.90 22.28 -11.51
C VAL B 64 -2.67 21.50 -10.95
N PHE B 65 -2.78 21.10 -9.70
CA PHE B 65 -1.66 20.47 -9.00
C PHE B 65 -1.56 19.02 -9.40
N ASN B 66 -0.40 18.63 -9.95
CA ASN B 66 -0.10 17.26 -10.29
C ASN B 66 1.14 16.86 -9.48
N TYR B 67 0.96 15.95 -8.52
CA TYR B 67 2.04 15.62 -7.61
C TYR B 67 3.31 15.10 -8.28
N GLY B 68 3.18 14.17 -9.22
CA GLY B 68 4.37 13.59 -9.89
C GLY B 68 5.16 14.68 -10.66
N VAL B 69 4.41 15.52 -11.38
CA VAL B 69 5.05 16.61 -12.18
C VAL B 69 5.77 17.56 -11.23
N GLU B 70 5.04 18.03 -10.23
CA GLU B 70 5.63 19.01 -9.35
C GLU B 70 6.80 18.50 -8.52
N THR B 71 6.76 17.20 -8.13
CA THR B 71 7.87 16.68 -7.36
C THR B 71 9.08 16.39 -8.26
N HIS B 72 8.84 15.96 -9.50
CA HIS B 72 9.92 15.78 -10.45
C HIS B 72 10.68 17.11 -10.65
N GLU B 73 9.90 18.16 -10.88
CA GLU B 73 10.49 19.47 -11.09
C GLU B 73 11.18 19.99 -9.82
N ALA B 74 10.55 19.82 -8.68
CA ALA B 74 11.16 20.22 -7.42
C ALA B 74 12.48 19.48 -7.12
N TYR B 75 12.54 18.20 -7.49
CA TYR B 75 13.77 17.42 -7.29
C TYR B 75 14.91 18.07 -8.12
N LYS B 76 14.64 18.35 -9.39
CA LYS B 76 15.65 19.02 -10.23
C LYS B 76 16.06 20.39 -9.76
N GLN B 77 15.15 21.14 -9.14
CA GLN B 77 15.45 22.49 -8.72
C GLN B 77 15.96 22.56 -7.31
N ARG B 78 15.89 21.43 -6.60
CA ARG B 78 16.09 21.36 -5.15
C ARG B 78 15.11 22.20 -4.36
N SER B 79 13.82 22.08 -4.66
CA SER B 79 12.86 22.72 -3.82
C SER B 79 11.93 21.72 -3.11
N LEU B 80 12.38 20.46 -2.96
CA LEU B 80 11.57 19.46 -2.14
C LEU B 80 11.69 19.72 -0.67
N ALA B 81 10.67 19.33 0.11
CA ALA B 81 10.75 19.39 1.55
C ALA B 81 11.96 18.57 1.98
N SER B 82 12.62 19.09 3.00
CA SER B 82 13.85 18.48 3.46
C SER B 82 13.64 17.07 4.09
N ASP B 83 12.43 16.74 4.53
CA ASP B 83 12.29 15.37 5.11
C ASP B 83 12.52 14.34 4.02
N ILE B 84 12.07 14.69 2.80
CA ILE B 84 12.23 13.84 1.63
C ILE B 84 13.71 13.78 1.23
N THR B 85 14.38 14.94 1.20
CA THR B 85 15.75 14.90 0.70
C THR B 85 16.66 14.26 1.75
N ASP B 86 16.34 14.42 3.02
CA ASP B 86 17.08 13.66 4.08
C ASP B 86 17.06 12.14 3.80
N GLU B 87 15.88 11.62 3.40
CA GLU B 87 15.80 10.20 3.14
C GLU B 87 16.56 9.82 1.84
N GLN B 88 16.45 10.68 0.85
CA GLN B 88 17.11 10.43 -0.43
C GLN B 88 18.59 10.33 -0.24
N LYS B 89 19.13 11.16 0.66
CA LYS B 89 20.56 11.07 0.91
C LYS B 89 20.94 9.68 1.49
N LYS B 90 20.12 9.16 2.41
CA LYS B 90 20.34 7.80 2.98
C LYS B 90 20.32 6.70 1.93
N VAL B 91 19.35 6.82 1.05
CA VAL B 91 19.17 5.83 0.01
C VAL B 91 20.34 5.95 -0.99
N ARG B 92 20.71 7.18 -1.38
CA ARG B 92 21.73 7.39 -2.38
C ARG B 92 23.04 6.74 -1.92
N GLU B 93 23.39 6.90 -0.65
CA GLU B 93 24.65 6.34 -0.13
C GLU B 93 24.59 4.86 0.17
N ALA B 94 23.38 4.30 0.34
CA ALA B 94 23.27 2.88 0.71
C ALA B 94 23.65 1.95 -0.42
N ASP B 95 24.32 0.84 -0.04
CA ASP B 95 24.49 -0.29 -0.94
C ASP B 95 23.34 -1.31 -0.84
N LEU B 96 22.74 -1.41 0.36
CA LEU B 96 21.60 -2.34 0.62
C LEU B 96 20.55 -1.56 1.40
N VAL B 97 19.28 -1.68 0.98
CA VAL B 97 18.15 -1.10 1.73
C VAL B 97 17.30 -2.24 2.19
N ILE B 98 17.18 -2.39 3.53
CA ILE B 98 16.29 -3.40 4.13
C ILE B 98 15.02 -2.71 4.63
N PHE B 99 13.84 -3.27 4.32
CA PHE B 99 12.58 -2.73 4.79
C PHE B 99 12.11 -3.72 5.86
N GLN B 100 11.85 -3.25 7.10
CA GLN B 100 11.45 -4.15 8.18
C GLN B 100 10.03 -3.73 8.60
N PHE B 101 9.02 -4.59 8.41
CA PHE B 101 7.64 -4.20 8.67
C PHE B 101 6.68 -5.37 8.86
N PRO B 102 5.64 -5.14 9.66
CA PRO B 102 4.52 -6.11 9.66
C PRO B 102 3.63 -5.96 8.42
N LEU B 103 3.17 -7.07 7.86
CA LEU B 103 2.23 -6.99 6.78
C LEU B 103 0.91 -6.34 7.23
N TYR B 104 0.48 -5.30 6.52
CA TYR B 104 -0.80 -4.63 6.78
C TYR B 104 -1.56 -4.73 5.46
N TRP B 105 -2.65 -5.47 5.42
CA TRP B 105 -3.46 -5.60 4.23
C TRP B 105 -2.66 -6.01 2.98
N PHE B 106 -1.86 -7.05 3.18
CA PHE B 106 -1.10 -7.70 2.10
C PHE B 106 -0.05 -6.72 1.56
N SER B 107 0.35 -5.72 2.39
CA SER B 107 1.22 -4.66 1.85
C SER B 107 2.02 -4.02 3.02
N VAL B 108 2.62 -2.85 2.77
CA VAL B 108 3.32 -2.14 3.85
C VAL B 108 2.33 -1.27 4.65
N PRO B 109 2.64 -1.00 5.93
CA PRO B 109 1.81 -0.04 6.69
C PRO B 109 1.86 1.27 5.92
N ALA B 110 0.78 2.03 5.99
CA ALA B 110 0.71 3.33 5.27
C ALA B 110 1.87 4.25 5.51
N ILE B 111 2.45 4.25 6.72
CA ILE B 111 3.55 5.17 6.99
C ILE B 111 4.76 4.85 6.06
N LEU B 112 4.95 3.57 5.84
CA LEU B 112 6.03 3.10 4.96
C LEU B 112 5.57 3.25 3.49
N LYS B 113 4.28 3.06 3.22
CA LYS B 113 3.80 3.36 1.83
C LYS B 113 4.09 4.80 1.50
N GLY B 114 3.92 5.68 2.49
CA GLY B 114 4.21 7.11 2.26
C GLY B 114 5.68 7.44 1.99
N TRP B 115 6.59 6.75 2.67
CA TRP B 115 8.00 6.86 2.42
C TRP B 115 8.21 6.45 0.94
N MET B 116 7.63 5.35 0.50
CA MET B 116 7.85 4.97 -0.92
C MET B 116 7.25 6.07 -1.85
N ASP B 117 6.05 6.54 -1.54
CA ASP B 117 5.39 7.49 -2.44
C ASP B 117 6.18 8.81 -2.54
N ARG B 118 6.73 9.27 -1.43
CA ARG B 118 7.29 10.60 -1.38
C ARG B 118 8.80 10.57 -1.63
N VAL B 119 9.49 9.51 -1.21
CA VAL B 119 10.94 9.50 -1.30
C VAL B 119 11.40 9.05 -2.71
N LEU B 120 10.68 8.12 -3.31
CA LEU B 120 11.12 7.55 -4.62
C LEU B 120 10.58 8.37 -5.78
N CYS B 121 10.93 9.65 -5.82
CA CYS B 121 10.31 10.52 -6.80
C CYS B 121 10.99 10.42 -8.17
N GLN B 122 10.28 10.89 -9.22
CA GLN B 122 10.86 10.90 -10.56
C GLN B 122 12.06 11.87 -10.55
N GLY B 123 13.15 11.47 -11.22
CA GLY B 123 14.39 12.30 -11.18
C GLY B 123 15.42 11.71 -10.23
N PHE B 124 14.91 11.12 -9.13
CA PHE B 124 15.74 10.54 -8.08
C PHE B 124 15.81 9.02 -8.24
N ALA B 125 14.64 8.35 -8.22
CA ALA B 125 14.59 6.89 -8.19
C ALA B 125 14.39 6.26 -9.58
N PHE B 126 13.73 7.00 -10.45
CA PHE B 126 13.52 6.60 -11.84
C PHE B 126 13.35 7.83 -12.75
N ASP B 127 13.41 7.58 -14.05
CA ASP B 127 12.96 8.58 -14.98
C ASP B 127 12.18 7.86 -16.05
N ILE B 128 11.51 8.66 -16.89
CA ILE B 128 10.76 8.16 -18.05
C ILE B 128 11.47 8.77 -19.29
N PRO B 129 12.35 8.00 -19.96
CA PRO B 129 12.69 6.58 -19.71
C PRO B 129 13.81 6.48 -18.65
N GLY B 130 14.10 5.28 -18.15
CA GLY B 130 15.00 5.06 -17.02
C GLY B 130 14.32 4.36 -15.84
N PHE B 131 13.75 3.19 -16.11
CA PHE B 131 13.09 2.40 -15.05
C PHE B 131 13.32 0.91 -15.26
N TYR B 132 12.78 0.07 -14.37
CA TYR B 132 13.09 -1.34 -14.31
C TYR B 132 14.63 -1.51 -14.40
N ASP B 133 15.15 -2.26 -15.39
CA ASP B 133 16.62 -2.52 -15.36
C ASP B 133 17.42 -1.25 -15.64
N SER B 134 16.76 -0.20 -16.13
CA SER B 134 17.41 1.08 -16.30
C SER B 134 17.07 2.07 -15.19
N GLY B 135 16.39 1.60 -14.11
CA GLY B 135 16.08 2.47 -12.97
C GLY B 135 17.30 3.23 -12.44
N LEU B 136 17.09 4.36 -11.76
CA LEU B 136 18.20 5.21 -11.32
C LEU B 136 18.88 4.67 -10.07
N LEU B 137 18.25 3.73 -9.36
CA LEU B 137 18.92 3.14 -8.19
C LEU B 137 19.58 1.81 -8.60
N GLN B 138 19.93 1.65 -9.90
CA GLN B 138 20.71 0.45 -10.30
C GLN B 138 22.03 0.31 -9.53
N GLY B 139 22.38 -0.93 -9.29
CA GLY B 139 23.58 -1.26 -8.52
C GLY B 139 23.28 -1.43 -7.02
N LYS B 140 22.07 -1.05 -6.58
CA LYS B 140 21.70 -1.17 -5.14
C LYS B 140 20.92 -2.44 -4.94
N LEU B 141 21.06 -2.99 -3.75
CA LEU B 141 20.28 -4.13 -3.31
C LEU B 141 19.11 -3.73 -2.40
N ALA B 142 17.99 -4.45 -2.49
CA ALA B 142 16.87 -4.22 -1.57
C ALA B 142 16.37 -5.55 -1.07
N LEU B 143 15.84 -5.59 0.15
CA LEU B 143 15.31 -6.83 0.74
C LEU B 143 14.09 -6.47 1.60
N LEU B 144 12.96 -7.17 1.39
CA LEU B 144 11.83 -7.03 2.31
C LEU B 144 11.89 -8.08 3.43
N SER B 145 11.84 -7.58 4.66
CA SER B 145 11.76 -8.45 5.81
C SER B 145 10.41 -8.15 6.46
N VAL B 146 9.52 -9.15 6.44
CA VAL B 146 8.09 -8.99 6.64
C VAL B 146 7.63 -9.96 7.72
N THR B 147 6.76 -9.51 8.61
CA THR B 147 6.16 -10.43 9.58
C THR B 147 4.65 -10.51 9.23
N THR B 148 3.99 -11.63 9.55
CA THR B 148 2.57 -11.82 9.24
C THR B 148 1.76 -12.20 10.50
N GLY B 149 0.44 -11.93 10.42
CA GLY B 149 -0.56 -12.67 11.20
C GLY B 149 -0.77 -14.10 10.71
N GLY B 150 -0.90 -14.27 9.40
CA GLY B 150 -1.18 -15.55 8.73
C GLY B 150 0.00 -16.55 8.84
N THR B 151 -0.33 -17.85 8.96
CA THR B 151 0.74 -18.89 9.06
C THR B 151 1.26 -19.20 7.66
N ALA B 152 2.40 -19.91 7.60
CA ALA B 152 2.98 -20.28 6.32
C ALA B 152 2.00 -21.11 5.49
N GLU B 153 1.26 -22.00 6.16
CA GLU B 153 0.25 -22.82 5.46
C GLU B 153 -0.87 -22.01 4.81
N MET B 154 -1.33 -20.99 5.51
CA MET B 154 -2.29 -20.05 4.91
C MET B 154 -1.75 -19.38 3.67
N TYR B 155 -0.46 -19.03 3.70
CA TYR B 155 0.20 -18.39 2.55
C TYR B 155 0.78 -19.34 1.50
N THR B 156 -0.03 -20.31 1.08
CA THR B 156 0.38 -21.25 0.03
C THR B 156 -0.60 -21.16 -1.11
N LYS B 157 -0.21 -21.70 -2.26
CA LYS B 157 -1.03 -21.63 -3.48
C LYS B 157 -2.49 -22.01 -3.25
N THR B 158 -2.73 -22.98 -2.34
CA THR B 158 -4.08 -23.51 -2.06
C THR B 158 -4.49 -23.27 -0.60
N GLY B 159 -3.77 -22.37 0.07
CA GLY B 159 -4.21 -21.86 1.37
C GLY B 159 -5.12 -20.67 1.11
N VAL B 160 -5.78 -20.17 2.16
CA VAL B 160 -6.80 -19.12 2.00
C VAL B 160 -6.23 -17.77 1.51
N ASN B 161 -4.96 -17.49 1.88
CA ASN B 161 -4.27 -16.24 1.49
C ASN B 161 -3.57 -16.25 0.13
N GLY B 162 -3.48 -17.44 -0.47
CA GLY B 162 -2.70 -17.62 -1.71
C GLY B 162 -1.20 -17.61 -1.37
N ASP B 163 -0.37 -17.93 -2.35
CA ASP B 163 1.08 -17.90 -2.13
C ASP B 163 1.60 -16.57 -1.59
N SER B 164 2.56 -16.63 -0.65
CA SER B 164 3.16 -15.39 -0.15
C SER B 164 3.82 -14.55 -1.25
N ARG B 165 4.41 -15.17 -2.27
CA ARG B 165 4.98 -14.34 -3.36
C ARG B 165 3.96 -13.46 -4.10
N TYR B 166 2.69 -13.88 -4.10
CA TYR B 166 1.68 -13.09 -4.83
C TYR B 166 1.60 -11.67 -4.29
N PHE B 167 1.64 -11.53 -2.97
CA PHE B 167 1.54 -10.18 -2.34
C PHE B 167 2.85 -9.34 -2.45
N LEU B 168 3.95 -10.02 -2.77
CA LEU B 168 5.23 -9.31 -2.96
C LEU B 168 5.34 -8.52 -4.26
N TRP B 169 4.50 -8.85 -5.26
CA TRP B 169 4.60 -8.27 -6.61
C TRP B 169 4.66 -6.72 -6.65
N PRO B 170 3.68 -6.02 -6.02
CA PRO B 170 3.68 -4.57 -6.14
C PRO B 170 4.91 -3.92 -5.47
N LEU B 171 5.44 -4.57 -4.45
CA LEU B 171 6.58 -4.05 -3.68
C LEU B 171 7.90 -4.44 -4.38
N GLN B 172 8.11 -5.72 -4.63
CA GLN B 172 9.35 -6.13 -5.32
C GLN B 172 9.47 -5.64 -6.77
N HIS B 173 8.41 -5.77 -7.56
CA HIS B 173 8.51 -5.50 -8.97
C HIS B 173 8.06 -4.08 -9.25
N GLY B 174 6.86 -3.77 -8.78
CA GLY B 174 6.24 -2.51 -9.12
C GLY B 174 7.07 -1.38 -8.47
N THR B 175 7.74 -1.65 -7.36
CA THR B 175 8.43 -0.52 -6.69
C THR B 175 9.96 -0.66 -6.81
N LEU B 176 10.51 -1.73 -6.26
CA LEU B 176 11.97 -1.83 -6.09
C LEU B 176 12.61 -2.10 -7.44
N HIS B 177 12.13 -3.10 -8.18
CA HIS B 177 12.66 -3.37 -9.55
C HIS B 177 12.44 -2.17 -10.43
N PHE B 178 11.29 -1.50 -10.33
CA PHE B 178 11.03 -0.35 -11.21
C PHE B 178 12.08 0.72 -11.00
N CYS B 179 12.51 0.90 -9.76
CA CYS B 179 13.56 1.91 -9.44
C CYS B 179 15.00 1.44 -9.79
N GLY B 180 15.13 0.22 -10.31
CA GLY B 180 16.43 -0.37 -10.61
C GLY B 180 17.12 -1.22 -9.56
N PHE B 181 16.51 -1.37 -8.38
CA PHE B 181 17.12 -2.25 -7.38
C PHE B 181 17.20 -3.68 -7.90
N LYS B 182 18.25 -4.35 -7.48
CA LYS B 182 18.20 -5.82 -7.46
C LYS B 182 17.62 -6.21 -6.13
N VAL B 183 16.71 -7.16 -6.22
CA VAL B 183 15.93 -7.58 -5.10
C VAL B 183 16.47 -8.91 -4.51
N LEU B 184 16.87 -8.90 -3.24
CA LEU B 184 17.22 -10.13 -2.57
C LEU B 184 15.96 -10.83 -2.13
N ALA B 185 16.07 -12.14 -1.90
CA ALA B 185 14.92 -12.93 -1.47
C ALA B 185 14.32 -12.36 -0.18
N PRO B 186 12.98 -12.36 -0.09
CA PRO B 186 12.34 -11.76 1.07
C PRO B 186 12.63 -12.59 2.31
N GLN B 187 12.74 -11.93 3.46
CA GLN B 187 12.71 -12.71 4.69
C GLN B 187 11.28 -12.68 5.18
N ILE B 188 10.59 -13.85 5.24
CA ILE B 188 9.24 -13.80 5.85
C ILE B 188 9.15 -14.55 7.16
N SER B 189 8.85 -13.82 8.22
CA SER B 189 8.67 -14.37 9.51
C SER B 189 7.17 -14.58 9.81
N PHE B 190 6.71 -15.82 9.59
CA PHE B 190 5.26 -16.13 9.70
C PHE B 190 4.73 -16.20 11.12
N ALA B 191 3.68 -15.43 11.35
CA ALA B 191 2.78 -15.66 12.47
C ALA B 191 3.49 -15.75 13.80
N PRO B 192 4.33 -14.75 14.14
CA PRO B 192 5.01 -14.79 15.41
C PRO B 192 4.10 -14.67 16.63
N GLU B 193 2.90 -14.09 16.48
CA GLU B 193 2.03 -13.89 17.64
C GLU B 193 1.49 -15.23 18.11
N ILE B 194 1.25 -16.14 17.17
CA ILE B 194 0.84 -17.53 17.40
C ILE B 194 2.00 -18.43 17.90
N ALA B 195 3.22 -18.13 17.44
CA ALA B 195 4.37 -19.04 17.59
C ALA B 195 4.77 -19.27 19.05
N SER B 196 5.41 -20.40 19.34
CA SER B 196 5.93 -20.63 20.71
C SER B 196 7.17 -19.79 20.93
N GLU B 197 7.54 -19.65 22.20
CA GLU B 197 8.71 -18.87 22.60
C GLU B 197 9.97 -19.30 21.85
N GLU B 198 10.11 -20.61 21.64
CA GLU B 198 11.29 -21.15 21.00
C GLU B 198 11.25 -20.98 19.46
N GLU B 199 10.06 -21.07 18.87
CA GLU B 199 9.93 -20.88 17.42
C GLU B 199 10.27 -19.40 17.09
N ARG B 200 9.84 -18.50 17.97
CA ARG B 200 10.09 -17.07 17.83
C ARG B 200 11.58 -16.76 17.92
N LYS B 201 12.23 -17.28 18.97
CA LYS B 201 13.69 -17.24 19.07
C LYS B 201 14.36 -17.78 17.82
N GLY B 202 13.83 -18.87 17.27
CA GLY B 202 14.41 -19.49 16.10
C GLY B 202 14.26 -18.64 14.84
N MET B 203 13.14 -17.92 14.72
CA MET B 203 12.94 -17.00 13.61
C MET B 203 13.90 -15.79 13.69
N VAL B 204 14.14 -15.24 14.88
CA VAL B 204 15.10 -14.16 15.04
C VAL B 204 16.51 -14.67 14.64
N ALA B 205 16.88 -15.88 15.06
CA ALA B 205 18.24 -16.35 14.83
C ALA B 205 18.44 -16.74 13.37
N ALA B 206 17.39 -17.22 12.69
CA ALA B 206 17.48 -17.52 11.28
C ALA B 206 17.80 -16.21 10.47
N TRP B 207 17.18 -15.11 10.87
CA TRP B 207 17.47 -13.79 10.24
C TRP B 207 18.92 -13.36 10.53
N SER B 208 19.28 -13.36 11.81
CA SER B 208 20.65 -13.01 12.19
C SER B 208 21.61 -13.88 11.38
N GLN B 209 21.34 -15.18 11.34
CA GLN B 209 22.23 -16.11 10.67
C GLN B 209 22.23 -15.87 9.16
N ARG B 210 21.08 -15.55 8.56
CA ARG B 210 21.12 -15.24 7.14
C ARG B 210 21.98 -13.97 6.84
N LEU B 211 21.88 -12.97 7.71
CA LEU B 211 22.61 -11.72 7.49
C LEU B 211 24.13 -11.94 7.53
N GLN B 212 24.58 -12.95 8.26
CA GLN B 212 26.02 -13.26 8.26
C GLN B 212 26.54 -13.45 6.84
N THR B 213 25.71 -13.96 5.93
CA THR B 213 26.20 -14.28 4.59
C THR B 213 25.49 -13.47 3.50
N ILE B 214 24.85 -12.36 3.89
CA ILE B 214 23.99 -11.59 2.94
C ILE B 214 24.73 -11.07 1.71
N TRP B 215 25.98 -10.67 1.88
CA TRP B 215 26.75 -10.08 0.79
C TRP B 215 27.15 -11.15 -0.26
N LYS B 216 26.97 -12.43 0.07
CA LYS B 216 27.24 -13.48 -0.89
C LYS B 216 26.03 -13.91 -1.73
N GLU B 217 24.81 -13.44 -1.41
CA GLU B 217 23.57 -13.88 -2.15
C GLU B 217 23.43 -13.26 -3.49
N GLU B 218 22.73 -13.94 -4.38
CA GLU B 218 22.38 -13.37 -5.68
C GLU B 218 20.98 -12.81 -5.55
N PRO B 219 20.63 -11.83 -6.36
CA PRO B 219 19.23 -11.39 -6.30
C PRO B 219 18.25 -12.44 -6.91
N ILE B 220 16.95 -12.29 -6.66
CA ILE B 220 15.95 -13.14 -7.33
C ILE B 220 15.79 -12.62 -8.76
N PRO B 221 15.30 -13.49 -9.66
CA PRO B 221 14.80 -12.99 -10.91
C PRO B 221 13.42 -12.38 -10.61
N CYS B 222 13.31 -11.06 -10.72
CA CYS B 222 12.09 -10.39 -10.25
C CYS B 222 11.11 -10.30 -11.46
N THR B 223 10.47 -11.43 -11.76
CA THR B 223 9.68 -11.51 -12.99
C THR B 223 8.31 -12.04 -12.59
N ALA B 224 7.31 -11.93 -13.49
CA ALA B 224 6.03 -12.62 -13.26
C ALA B 224 6.19 -14.11 -12.95
N HIS B 225 7.13 -14.80 -13.60
CA HIS B 225 7.21 -16.26 -13.43
C HIS B 225 7.62 -16.59 -11.97
N TRP B 226 8.60 -15.83 -11.46
CA TRP B 226 9.07 -16.04 -10.10
C TRP B 226 7.89 -15.84 -9.11
N HIS B 227 7.09 -14.82 -9.36
CA HIS B 227 6.06 -14.44 -8.38
C HIS B 227 4.83 -15.35 -8.54
N PHE B 228 4.50 -15.67 -9.79
CA PHE B 228 3.23 -16.43 -10.02
C PHE B 228 3.33 -17.87 -10.58
N GLY B 229 4.48 -18.24 -11.14
CA GLY B 229 4.71 -19.62 -11.63
C GLY B 229 4.08 -19.86 -12.99
N GLN B 230 3.64 -21.11 -13.24
CA GLN B 230 3.04 -21.57 -14.53
C GLN B 230 4.08 -21.62 -15.68
#